data_2QEB
#
_entry.id   2QEB
#
_cell.length_a   88.394
_cell.length_b   88.394
_cell.length_c   43.395
_cell.angle_alpha   90.00
_cell.angle_beta   90.00
_cell.angle_gamma   90.00
#
_symmetry.space_group_name_H-M   'P 43'
#
loop_
_entity.id
_entity.type
_entity.pdbx_description
1 polymer 'D7R4 Protein'
2 non-polymer HISTAMINE
3 non-polymer GLYCEROL
4 water water
#
_entity_poly.entity_id   1
_entity_poly.type   'polypeptide(L)'
_entity_poly.pdbx_seq_one_letter_code
;METVQDCENKLPPSLKSRLCEIRRYEIIEGPEMDKHIHCVMRALDFVYEDGRGDYHKLYDPLNIIELDKRHDVNLEKCIG
ECVQVPTSERAHVFYKCLLKSTTGRTFKKVFDLMELKKAGKVPQHQRYTAEFVQIMKDYDKALNC
;
_entity_poly.pdbx_strand_id   A,B
#
# COMPACT_ATOMS: atom_id res chain seq x y z
N MET A 1 -10.70 31.18 2.38
CA MET A 1 -10.19 29.94 3.03
C MET A 1 -8.66 29.91 3.11
N GLU A 2 -8.14 29.72 4.32
CA GLU A 2 -6.76 29.28 4.49
C GLU A 2 -6.51 28.02 3.66
N THR A 3 -5.33 27.93 3.04
CA THR A 3 -4.97 26.81 2.17
C THR A 3 -3.97 25.94 2.89
N VAL A 4 -3.72 24.76 2.33
CA VAL A 4 -2.67 23.87 2.81
C VAL A 4 -1.31 24.58 2.77
N GLN A 5 -1.09 25.34 1.71
CA GLN A 5 0.13 26.14 1.55
C GLN A 5 0.32 27.17 2.67
N ASP A 6 -0.77 27.82 3.05
CA ASP A 6 -0.77 28.76 4.19
C ASP A 6 -0.44 28.05 5.50
N CYS A 7 -1.02 26.87 5.71
CA CYS A 7 -0.66 26.05 6.86
C CYS A 7 0.84 25.75 6.92
N GLU A 8 1.40 25.37 5.78
CA GLU A 8 2.80 24.96 5.70
C GLU A 8 3.72 26.16 5.95
N ASN A 9 3.37 27.30 5.36
CA ASN A 9 4.11 28.54 5.59
C ASN A 9 4.23 28.96 7.06
N LYS A 10 3.24 28.55 7.87
CA LYS A 10 3.22 28.93 9.29
C LYS A 10 3.72 27.85 10.24
N LEU A 11 4.19 26.74 9.68
CA LEU A 11 4.91 25.72 10.47
C LEU A 11 6.08 26.33 11.26
N PRO A 12 6.29 25.86 12.49
CA PRO A 12 7.51 26.25 13.20
C PRO A 12 8.75 25.66 12.55
N PRO A 13 9.88 26.39 12.63
CA PRO A 13 11.11 25.95 12.01
C PRO A 13 11.36 24.45 12.20
N SER A 14 11.00 23.95 13.38
CA SER A 14 11.26 22.56 13.73
C SER A 14 10.54 21.59 12.80
N LEU A 15 9.39 22.01 12.29
CA LEU A 15 8.54 21.14 11.48
C LEU A 15 8.67 21.43 9.98
N LYS A 16 8.96 22.67 9.63
CA LYS A 16 9.29 23.04 8.24
C LYS A 16 10.39 22.16 7.66
N SER A 17 11.38 21.81 8.47
CA SER A 17 12.51 21.02 8.00
C SER A 17 12.12 19.55 7.82
N ARG A 18 10.93 19.19 8.31
CA ARG A 18 10.37 17.86 8.05
C ARG A 18 9.16 17.91 7.13
N LEU A 19 9.02 18.99 6.36
CA LEU A 19 7.87 19.16 5.49
C LEU A 19 7.69 18.00 4.50
N CYS A 20 8.77 17.49 3.94
CA CYS A 20 8.65 16.43 2.95
C CYS A 20 8.11 15.12 3.58
N GLU A 21 8.51 14.84 4.82
CA GLU A 21 7.92 13.73 5.57
C GLU A 21 6.42 13.97 5.77
N ILE A 22 6.09 15.15 6.28
CA ILE A 22 4.69 15.51 6.49
C ILE A 22 3.87 15.29 5.22
N ARG A 23 4.39 15.74 4.08
CA ARG A 23 3.62 15.70 2.83
C ARG A 23 3.59 14.30 2.22
N ARG A 24 4.42 13.40 2.76
CA ARG A 24 4.32 11.97 2.44
C ARG A 24 3.41 11.25 3.43
N TYR A 25 2.72 11.98 4.29
CA TYR A 25 1.85 11.37 5.32
C TYR A 25 2.57 10.52 6.35
N GLU A 26 3.84 10.80 6.60
CA GLU A 26 4.50 10.18 7.73
C GLU A 26 3.97 10.79 9.02
N ILE A 27 3.68 9.94 10.00
CA ILE A 27 3.11 10.38 11.26
C ILE A 27 4.16 11.00 12.16
N ILE A 28 3.87 12.20 12.65
CA ILE A 28 4.76 12.88 13.59
C ILE A 28 3.92 13.43 14.71
N GLU A 29 4.28 13.07 15.94
CA GLU A 29 3.41 13.30 17.09
C GLU A 29 3.74 14.63 17.76
N GLY A 30 2.80 15.13 18.57
CA GLY A 30 3.07 16.28 19.41
C GLY A 30 2.27 17.50 19.00
N PRO A 31 2.22 18.50 19.88
CA PRO A 31 1.10 19.44 19.91
C PRO A 31 1.13 20.39 18.71
N GLU A 32 2.31 20.61 18.14
CA GLU A 32 2.46 21.44 16.95
C GLU A 32 1.93 20.70 15.70
N MET A 33 2.16 19.39 15.64
CA MET A 33 1.55 18.56 14.58
C MET A 33 0.03 18.42 14.74
N ASP A 34 -0.44 18.31 15.98
CA ASP A 34 -1.88 18.38 16.24
C ASP A 34 -2.48 19.64 15.61
N LYS A 35 -1.74 20.74 15.69
CA LYS A 35 -2.19 22.02 15.16
C LYS A 35 -2.13 22.04 13.63
N HIS A 36 -1.01 21.61 13.07
CA HIS A 36 -0.86 21.60 11.61
C HIS A 36 -1.89 20.72 10.91
N ILE A 37 -2.12 19.53 11.45
CA ILE A 37 -3.04 18.60 10.80
C ILE A 37 -4.49 19.12 10.90
N HIS A 38 -4.81 19.75 12.03
CA HIS A 38 -6.09 20.42 12.10
C HIS A 38 -6.19 21.46 10.97
N CYS A 39 -5.12 22.23 10.78
CA CYS A 39 -5.09 23.29 9.75
C CYS A 39 -5.36 22.75 8.34
N VAL A 40 -4.66 21.68 7.98
CA VAL A 40 -4.77 21.16 6.62
C VAL A 40 -6.09 20.43 6.42
N MET A 41 -6.57 19.74 7.46
CA MET A 41 -7.83 19.00 7.35
C MET A 41 -9.00 19.97 7.26
N ARG A 42 -8.88 21.11 7.94
CA ARG A 42 -9.82 22.21 7.72
C ARG A 42 -9.71 22.80 6.32
N ALA A 43 -8.49 23.03 5.86
CA ALA A 43 -8.25 23.69 4.58
C ALA A 43 -8.86 22.89 3.44
N LEU A 44 -8.82 21.56 3.55
CA LEU A 44 -9.36 20.69 2.52
C LEU A 44 -10.77 20.23 2.87
N ASP A 45 -11.26 20.67 4.02
CA ASP A 45 -12.69 20.59 4.33
C ASP A 45 -13.09 19.16 4.69
N PHE A 46 -12.21 18.46 5.41
CA PHE A 46 -12.45 17.07 5.78
C PHE A 46 -13.00 16.94 7.20
N VAL A 47 -12.83 17.97 8.00
CA VAL A 47 -13.24 17.93 9.40
C VAL A 47 -14.06 19.18 9.77
N TYR A 48 -14.89 19.04 10.80
CA TYR A 48 -15.59 20.15 11.41
C TYR A 48 -14.64 21.04 12.21
N GLU A 49 -15.18 22.11 12.79
CA GLU A 49 -14.35 23.13 13.42
C GLU A 49 -13.69 22.61 14.68
N ASP A 50 -14.35 21.67 15.35
CA ASP A 50 -13.78 21.01 16.52
C ASP A 50 -12.85 19.88 16.11
N GLY A 51 -12.79 19.60 14.80
CA GLY A 51 -11.79 18.72 14.26
C GLY A 51 -12.32 17.33 13.96
N ARG A 52 -13.59 17.13 14.28
CA ARG A 52 -14.26 15.86 13.98
C ARG A 52 -14.33 15.57 12.49
N GLY A 53 -13.91 14.37 12.10
CA GLY A 53 -14.03 13.93 10.71
C GLY A 53 -15.45 14.00 10.22
N ASP A 54 -15.64 14.46 8.98
CA ASP A 54 -16.95 14.51 8.36
C ASP A 54 -17.11 13.30 7.47
N TYR A 55 -17.96 12.36 7.89
CA TYR A 55 -18.23 11.15 7.09
C TYR A 55 -18.53 11.49 5.64
N HIS A 56 -19.30 12.56 5.43
CA HIS A 56 -19.91 12.80 4.12
C HIS A 56 -18.97 13.51 3.14
N LYS A 57 -17.88 14.06 3.67
CA LYS A 57 -16.82 14.65 2.83
C LYS A 57 -15.88 13.58 2.25
N LEU A 58 -15.99 12.35 2.73
CA LEU A 58 -15.07 11.27 2.37
C LEU A 58 -15.69 10.00 1.81
N TYR A 59 -16.88 9.63 2.29
CA TYR A 59 -17.49 8.38 1.85
C TYR A 59 -17.53 8.27 0.33
N ASP A 60 -18.11 9.27 -0.32
CA ASP A 60 -18.29 9.16 -1.76
C ASP A 60 -16.98 9.22 -2.54
N PRO A 61 -16.16 10.25 -2.28
CA PRO A 61 -14.84 10.36 -2.89
C PRO A 61 -13.96 9.10 -2.70
N LEU A 62 -13.94 8.53 -1.50
CA LEU A 62 -13.19 7.28 -1.26
C LEU A 62 -13.67 6.16 -2.18
N ASN A 63 -14.99 5.97 -2.22
CA ASN A 63 -15.59 4.91 -3.02
C ASN A 63 -15.50 5.10 -4.54
N ILE A 64 -15.47 6.35 -4.98
CA ILE A 64 -15.28 6.66 -6.40
C ILE A 64 -13.87 6.32 -6.87
N ILE A 65 -12.89 6.55 -6.01
CA ILE A 65 -11.50 6.27 -6.36
C ILE A 65 -11.29 4.77 -6.29
N GLU A 66 -11.85 4.15 -5.25
CA GLU A 66 -11.78 2.71 -5.09
C GLU A 66 -12.91 2.12 -4.24
N LEU A 67 -13.86 1.48 -4.91
CA LEU A 67 -15.06 0.98 -4.27
C LEU A 67 -14.70 -0.09 -3.25
N ASP A 68 -15.17 0.07 -2.02
CA ASP A 68 -14.74 -0.81 -0.94
C ASP A 68 -15.66 -0.63 0.26
N LYS A 69 -16.32 -1.70 0.67
CA LYS A 69 -17.24 -1.62 1.81
C LYS A 69 -16.50 -1.25 3.09
N ARG A 70 -15.19 -1.41 3.10
CA ARG A 70 -14.40 -1.09 4.30
C ARG A 70 -14.29 0.43 4.57
N HIS A 71 -14.49 1.26 3.56
CA HIS A 71 -14.38 2.70 3.78
C HIS A 71 -15.42 3.16 4.82
N ASP A 72 -16.66 2.68 4.65
CA ASP A 72 -17.72 2.90 5.62
C ASP A 72 -17.27 2.53 7.03
N VAL A 73 -16.83 1.28 7.18
CA VAL A 73 -16.38 0.77 8.48
C VAL A 73 -15.25 1.60 9.07
N ASN A 74 -14.29 1.99 8.22
CA ASN A 74 -13.12 2.72 8.70
C ASN A 74 -13.46 4.13 9.14
N LEU A 75 -14.30 4.81 8.35
CA LEU A 75 -14.79 6.14 8.72
C LEU A 75 -15.48 6.13 10.09
N GLU A 76 -16.37 5.18 10.31
CA GLU A 76 -17.11 5.09 11.59
C GLU A 76 -16.13 4.86 12.75
N LYS A 77 -15.14 3.98 12.51
CA LYS A 77 -14.13 3.68 13.52
C LYS A 77 -13.35 4.93 13.90
N CYS A 78 -12.92 5.69 12.90
CA CYS A 78 -11.96 6.77 13.10
C CYS A 78 -12.65 8.03 13.63
N ILE A 79 -13.90 8.22 13.22
CA ILE A 79 -14.75 9.23 13.83
C ILE A 79 -15.02 8.92 15.30
N GLY A 80 -15.41 7.67 15.57
CA GLY A 80 -15.57 7.21 16.94
C GLY A 80 -14.35 7.48 17.79
N GLU A 81 -13.18 7.25 17.21
CA GLU A 81 -11.92 7.45 17.92
C GLU A 81 -11.61 8.92 18.20
N CYS A 82 -11.82 9.79 17.22
CA CYS A 82 -11.46 11.20 17.36
C CYS A 82 -12.37 11.96 18.33
N VAL A 83 -13.65 11.58 18.35
CA VAL A 83 -14.61 12.14 19.30
C VAL A 83 -14.27 11.85 20.78
N GLN A 84 -13.49 10.81 21.02
CA GLN A 84 -13.07 10.50 22.37
C GLN A 84 -11.86 11.31 22.85
N VAL A 85 -11.21 12.00 21.91
CA VAL A 85 -10.03 12.80 22.22
C VAL A 85 -10.36 14.28 22.37
N PRO A 86 -9.56 14.98 23.17
CA PRO A 86 -9.61 16.44 23.25
C PRO A 86 -9.59 17.06 21.87
N THR A 87 -10.26 18.20 21.75
CA THR A 87 -10.44 18.86 20.45
C THR A 87 -9.09 19.35 19.91
N SER A 88 -8.19 19.72 20.81
CA SER A 88 -6.87 20.18 20.42
C SER A 88 -6.20 19.19 19.47
N GLU A 89 -6.83 18.04 19.29
CA GLU A 89 -6.11 16.81 18.91
C GLU A 89 -7.00 15.91 18.06
N ARG A 90 -8.19 16.40 17.71
CA ARG A 90 -9.24 15.53 17.20
C ARG A 90 -9.13 15.37 15.69
N ALA A 91 -8.70 16.43 15.01
CA ALA A 91 -8.32 16.34 13.60
C ALA A 91 -7.16 15.37 13.34
N HIS A 92 -6.11 15.47 14.17
CA HIS A 92 -4.90 14.66 13.95
C HIS A 92 -5.15 13.17 14.25
N VAL A 93 -5.92 12.88 15.28
CA VAL A 93 -6.31 11.50 15.60
C VAL A 93 -7.15 10.86 14.48
N PHE A 94 -8.12 11.61 13.98
CA PHE A 94 -8.91 11.18 12.81
C PHE A 94 -8.00 10.79 11.63
N TYR A 95 -7.12 11.73 11.26
CA TYR A 95 -6.13 11.59 10.19
C TYR A 95 -5.22 10.37 10.39
N LYS A 96 -4.62 10.26 11.59
CA LYS A 96 -3.78 9.11 11.94
C LYS A 96 -4.55 7.78 11.86
N CYS A 97 -5.75 7.76 12.43
CA CYS A 97 -6.59 6.59 12.37
C CYS A 97 -6.88 6.21 10.92
N LEU A 98 -7.30 7.17 10.11
CA LEU A 98 -7.58 6.88 8.71
C LEU A 98 -6.36 6.30 8.00
N LEU A 99 -5.19 6.89 8.23
CA LEU A 99 -3.98 6.47 7.53
C LEU A 99 -3.56 5.05 7.94
N LYS A 100 -3.88 4.68 9.18
CA LYS A 100 -3.51 3.35 9.71
C LYS A 100 -4.49 2.25 9.31
N SER A 101 -5.68 2.65 8.87
CA SER A 101 -6.69 1.72 8.37
C SER A 101 -6.42 1.33 6.92
N THR A 102 -7.15 0.32 6.44
CA THR A 102 -7.10 -0.07 5.04
C THR A 102 -7.52 1.06 4.07
N THR A 103 -8.29 2.00 4.58
CA THR A 103 -8.71 3.15 3.78
C THR A 103 -7.57 4.15 3.59
N GLY A 104 -6.53 4.00 4.39
CA GLY A 104 -5.41 4.94 4.35
C GLY A 104 -4.91 5.24 2.95
N ARG A 105 -4.63 4.22 2.15
CA ARG A 105 -4.06 4.43 0.80
C ARG A 105 -4.99 5.20 -0.14
N THR A 106 -6.29 5.02 0.03
CA THR A 106 -7.25 5.77 -0.78
C THR A 106 -7.48 7.18 -0.26
N PHE A 107 -7.50 7.34 1.06
CA PHE A 107 -7.53 8.67 1.66
C PHE A 107 -6.40 9.61 1.16
N LYS A 108 -5.18 9.08 1.02
CA LYS A 108 -4.07 9.89 0.51
C LYS A 108 -4.33 10.35 -0.91
N LYS A 109 -4.97 9.51 -1.71
CA LYS A 109 -5.34 9.94 -3.06
C LYS A 109 -6.38 11.06 -3.06
N VAL A 110 -7.40 10.92 -2.21
CA VAL A 110 -8.49 11.88 -2.14
C VAL A 110 -7.95 13.22 -1.63
N PHE A 111 -7.04 13.14 -0.67
CA PHE A 111 -6.42 14.33 -0.10
C PHE A 111 -5.56 15.04 -1.15
N ASP A 112 -4.72 14.27 -1.86
CA ASP A 112 -3.84 14.86 -2.89
C ASP A 112 -4.70 15.51 -3.97
N LEU A 113 -5.73 14.80 -4.42
CA LEU A 113 -6.65 15.35 -5.41
C LEU A 113 -7.35 16.63 -4.93
N MET A 114 -7.84 16.65 -3.69
CA MET A 114 -8.50 17.85 -3.16
C MET A 114 -7.57 19.07 -3.03
N GLU A 115 -6.34 18.83 -2.58
CA GLU A 115 -5.34 19.86 -2.52
C GLU A 115 -5.05 20.53 -3.87
N LEU A 116 -4.88 19.72 -4.91
CA LEU A 116 -4.55 20.26 -6.23
C LEU A 116 -5.79 20.83 -6.94
N LYS A 117 -6.95 20.27 -6.62
CA LYS A 117 -8.20 20.76 -7.17
C LYS A 117 -8.53 22.15 -6.63
N LYS A 118 -8.29 22.36 -5.34
CA LYS A 118 -8.49 23.66 -4.73
C LYS A 118 -7.46 24.67 -5.23
N ALA A 119 -6.26 24.19 -5.53
CA ALA A 119 -5.17 25.05 -5.98
C ALA A 119 -5.30 25.34 -7.47
N GLY A 120 -6.32 24.76 -8.10
CA GLY A 120 -6.59 25.02 -9.51
C GLY A 120 -5.59 24.39 -10.46
N LYS A 121 -4.85 23.41 -9.97
CA LYS A 121 -3.83 22.73 -10.79
C LYS A 121 -4.42 21.63 -11.65
N VAL A 122 -5.59 21.12 -11.24
CA VAL A 122 -6.31 20.09 -12.01
C VAL A 122 -7.82 20.39 -11.99
N PRO A 123 -8.55 19.90 -13.01
CA PRO A 123 -10.00 20.12 -13.06
C PRO A 123 -10.73 19.42 -11.92
N GLN A 124 -11.94 19.87 -11.62
CA GLN A 124 -12.70 19.30 -10.52
C GLN A 124 -13.01 17.81 -10.68
N HIS A 125 -13.04 17.31 -11.91
CA HIS A 125 -13.34 15.90 -12.13
C HIS A 125 -12.11 15.02 -12.24
N GLN A 126 -10.94 15.63 -12.03
CA GLN A 126 -9.68 14.89 -12.07
C GLN A 126 -9.72 13.56 -11.30
N ARG A 127 -9.32 12.48 -11.96
CA ARG A 127 -9.14 11.20 -11.31
C ARG A 127 -7.69 10.93 -10.98
N TYR A 128 -7.44 9.89 -10.19
CA TYR A 128 -6.09 9.54 -9.80
C TYR A 128 -5.40 8.73 -10.89
N THR A 129 -4.79 9.43 -11.84
CA THR A 129 -4.24 8.81 -13.03
C THR A 129 -2.71 8.89 -12.99
N ALA A 130 -2.07 8.23 -13.94
CA ALA A 130 -0.61 8.33 -14.08
C ALA A 130 -0.17 9.77 -14.25
N GLU A 131 -0.87 10.52 -15.09
CA GLU A 131 -0.58 11.94 -15.28
C GLU A 131 -0.69 12.68 -13.95
N PHE A 132 -1.74 12.38 -13.17
CA PHE A 132 -1.89 13.05 -11.89
C PHE A 132 -0.70 12.81 -10.96
N VAL A 133 -0.24 11.57 -10.90
CA VAL A 133 0.93 11.26 -10.09
C VAL A 133 2.11 12.14 -10.48
N GLN A 134 2.31 12.33 -11.79
CA GLN A 134 3.42 13.15 -12.27
C GLN A 134 3.20 14.63 -11.93
N ILE A 135 1.95 15.07 -12.08
CA ILE A 135 1.60 16.43 -11.69
C ILE A 135 1.93 16.70 -10.21
N MET A 136 1.58 15.76 -9.34
CA MET A 136 1.85 15.96 -7.91
C MET A 136 3.37 15.92 -7.63
N LYS A 137 4.07 15.06 -8.33
CA LYS A 137 5.52 14.97 -8.21
C LYS A 137 6.18 16.30 -8.55
N ASP A 138 5.77 16.90 -9.65
CA ASP A 138 6.28 18.21 -10.04
C ASP A 138 5.87 19.30 -9.04
N TYR A 139 4.69 19.15 -8.48
CA TYR A 139 4.18 20.13 -7.52
C TYR A 139 5.04 20.13 -6.27
N ASP A 140 5.37 18.92 -5.79
CA ASP A 140 6.19 18.76 -4.58
C ASP A 140 7.64 19.18 -4.85
N LYS A 141 8.11 18.93 -6.07
CA LYS A 141 9.46 19.31 -6.46
C LYS A 141 9.67 20.83 -6.30
N ALA A 142 8.67 21.62 -6.67
CA ALA A 142 8.77 23.07 -6.58
C ALA A 142 8.76 23.54 -5.13
N LEU A 143 8.36 22.64 -4.24
CA LEU A 143 8.34 22.89 -2.81
C LEU A 143 9.60 22.36 -2.14
N ASN A 144 10.53 21.88 -2.94
CA ASN A 144 11.74 21.25 -2.43
C ASN A 144 11.51 19.85 -1.86
N CYS A 145 10.45 19.18 -2.32
CA CYS A 145 10.13 17.84 -1.85
C CYS A 145 10.15 16.80 -2.96
N MET B 1 -8.36 -25.17 -0.68
CA MET B 1 -7.04 -24.49 -0.61
C MET B 1 -5.99 -25.23 -1.45
N GLU B 2 -5.98 -24.96 -2.75
CA GLU B 2 -4.87 -25.36 -3.60
C GLU B 2 -3.61 -24.68 -3.08
N THR B 3 -2.53 -25.45 -2.96
CA THR B 3 -1.28 -24.94 -2.40
C THR B 3 -0.25 -24.65 -3.49
N VAL B 4 0.83 -23.99 -3.09
CA VAL B 4 1.98 -23.79 -3.97
C VAL B 4 2.46 -25.13 -4.55
N GLN B 5 2.61 -26.13 -3.70
CA GLN B 5 2.98 -27.48 -4.15
C GLN B 5 2.03 -27.96 -5.24
N ASP B 6 0.73 -27.87 -4.98
CA ASP B 6 -0.27 -28.23 -5.97
C ASP B 6 -0.01 -27.56 -7.31
N CYS B 7 0.15 -26.23 -7.27
CA CYS B 7 0.50 -25.47 -8.47
C CYS B 7 1.72 -26.05 -9.20
N GLU B 8 2.79 -26.34 -8.45
CA GLU B 8 3.99 -26.94 -9.01
C GLU B 8 3.74 -28.38 -9.51
N ASN B 9 2.75 -29.07 -8.95
CA ASN B 9 2.40 -30.43 -9.40
C ASN B 9 1.71 -30.44 -10.77
N LYS B 10 1.02 -29.35 -11.09
CA LYS B 10 0.25 -29.28 -12.33
C LYS B 10 0.92 -28.44 -13.42
N LEU B 11 2.21 -28.14 -13.25
CA LEU B 11 2.99 -27.41 -14.25
C LEU B 11 3.20 -28.29 -15.50
N PRO B 12 3.27 -27.66 -16.68
CA PRO B 12 3.56 -28.42 -17.90
C PRO B 12 5.00 -28.88 -17.88
N PRO B 13 5.29 -30.04 -18.49
CA PRO B 13 6.61 -30.66 -18.47
C PRO B 13 7.73 -29.67 -18.76
N SER B 14 7.49 -28.71 -19.65
CA SER B 14 8.53 -27.75 -20.02
C SER B 14 8.86 -26.83 -18.85
N LEU B 15 7.85 -26.54 -18.04
CA LEU B 15 8.03 -25.66 -16.89
C LEU B 15 8.53 -26.43 -15.67
N LYS B 16 8.08 -27.68 -15.53
CA LYS B 16 8.54 -28.54 -14.46
C LYS B 16 10.05 -28.58 -14.36
N SER B 17 10.73 -28.55 -15.51
CA SER B 17 12.16 -28.74 -15.57
C SER B 17 12.97 -27.52 -15.14
N ARG B 18 12.31 -26.36 -15.11
CA ARG B 18 12.96 -25.15 -14.59
C ARG B 18 12.33 -24.69 -13.27
N LEU B 19 11.79 -25.65 -12.51
CA LEU B 19 11.16 -25.39 -11.22
C LEU B 19 12.08 -24.61 -10.28
N CYS B 20 13.34 -25.02 -10.23
CA CYS B 20 14.28 -24.43 -9.29
C CYS B 20 14.57 -22.99 -9.66
N GLU B 21 14.50 -22.67 -10.96
CA GLU B 21 14.62 -21.28 -11.41
C GLU B 21 13.39 -20.48 -10.99
N ILE B 22 12.22 -21.06 -11.20
CA ILE B 22 10.99 -20.39 -10.85
C ILE B 22 11.01 -20.12 -9.36
N ARG B 23 11.41 -21.12 -8.58
CA ARG B 23 11.48 -21.01 -7.12
C ARG B 23 12.53 -20.01 -6.66
N ARG B 24 13.50 -19.73 -7.51
CA ARG B 24 14.50 -18.69 -7.23
C ARG B 24 13.99 -17.30 -7.65
N TYR B 25 12.73 -17.21 -8.03
CA TYR B 25 12.13 -15.95 -8.50
C TYR B 25 12.74 -15.44 -9.79
N GLU B 26 13.27 -16.35 -10.60
CA GLU B 26 13.73 -15.99 -11.93
C GLU B 26 12.52 -15.72 -12.81
N ILE B 27 12.52 -14.59 -13.51
CA ILE B 27 11.37 -14.23 -14.32
C ILE B 27 11.35 -14.98 -15.65
N ILE B 28 10.26 -15.70 -15.90
CA ILE B 28 10.07 -16.42 -17.17
C ILE B 28 8.73 -16.05 -17.79
N GLU B 29 8.77 -15.55 -19.03
CA GLU B 29 7.57 -15.03 -19.69
C GLU B 29 6.73 -16.09 -20.39
N GLY B 30 5.45 -15.77 -20.60
CA GLY B 30 4.61 -16.55 -21.49
C GLY B 30 3.50 -17.28 -20.75
N PRO B 31 2.52 -17.77 -21.50
CA PRO B 31 1.14 -17.81 -21.02
C PRO B 31 0.93 -18.90 -19.98
N GLU B 32 1.87 -19.83 -19.89
CA GLU B 32 1.82 -20.88 -18.88
C GLU B 32 2.43 -20.41 -17.56
N MET B 33 3.35 -19.46 -17.65
CA MET B 33 3.87 -18.78 -16.47
C MET B 33 2.87 -17.77 -15.91
N ASP B 34 2.13 -17.10 -16.78
CA ASP B 34 1.04 -16.22 -16.35
C ASP B 34 0.03 -16.99 -15.51
N LYS B 35 -0.20 -18.25 -15.89
CA LYS B 35 -1.15 -19.13 -15.22
C LYS B 35 -0.56 -19.64 -13.91
N HIS B 36 0.71 -20.02 -13.95
CA HIS B 36 1.37 -20.51 -12.76
C HIS B 36 1.51 -19.44 -11.69
N ILE B 37 1.89 -18.23 -12.08
CA ILE B 37 2.11 -17.20 -11.10
C ILE B 37 0.80 -16.74 -10.45
N HIS B 38 -0.28 -16.73 -11.23
CA HIS B 38 -1.61 -16.51 -10.68
C HIS B 38 -1.97 -17.60 -9.69
N CYS B 39 -1.70 -18.86 -10.05
CA CYS B 39 -1.94 -20.00 -9.14
C CYS B 39 -1.24 -19.80 -7.81
N VAL B 40 0.09 -19.64 -7.83
CA VAL B 40 0.83 -19.50 -6.60
C VAL B 40 0.48 -18.23 -5.81
N MET B 41 0.16 -17.15 -6.51
CA MET B 41 -0.12 -15.88 -5.82
C MET B 41 -1.49 -15.93 -5.12
N ARG B 42 -2.43 -16.66 -5.71
CA ARG B 42 -3.70 -16.94 -5.06
C ARG B 42 -3.55 -17.94 -3.92
N ALA B 43 -2.68 -18.93 -4.10
CA ALA B 43 -2.42 -19.94 -3.06
C ALA B 43 -1.89 -19.30 -1.78
N LEU B 44 -1.06 -18.27 -1.94
CA LEU B 44 -0.53 -17.55 -0.78
C LEU B 44 -1.35 -16.32 -0.45
N ASP B 45 -2.44 -16.11 -1.17
CA ASP B 45 -3.41 -15.08 -0.82
C ASP B 45 -2.91 -13.65 -1.06
N PHE B 46 -2.05 -13.45 -2.05
CA PHE B 46 -1.50 -12.12 -2.30
C PHE B 46 -2.31 -11.34 -3.34
N VAL B 47 -3.13 -12.03 -4.13
CA VAL B 47 -3.93 -11.38 -5.20
C VAL B 47 -5.43 -11.65 -5.05
N TYR B 48 -6.25 -10.74 -5.59
CA TYR B 48 -7.69 -10.96 -5.72
C TYR B 48 -7.96 -11.94 -6.85
N GLU B 49 -9.21 -12.38 -6.97
CA GLU B 49 -9.54 -13.49 -7.85
C GLU B 49 -9.20 -13.17 -9.30
N ASP B 50 -9.25 -11.89 -9.65
CA ASP B 50 -8.91 -11.45 -10.99
C ASP B 50 -7.42 -11.15 -11.10
N GLY B 51 -6.69 -11.36 -10.01
CA GLY B 51 -5.24 -11.37 -10.04
C GLY B 51 -4.64 -10.05 -9.62
N ARG B 52 -5.49 -9.09 -9.28
CA ARG B 52 -5.04 -7.79 -8.79
C ARG B 52 -4.31 -7.94 -7.46
N GLY B 53 -3.17 -7.28 -7.34
CA GLY B 53 -2.41 -7.34 -6.10
C GLY B 53 -3.21 -6.74 -4.96
N ASP B 54 -3.12 -7.35 -3.79
CA ASP B 54 -3.76 -6.83 -2.59
C ASP B 54 -2.75 -6.11 -1.70
N TYR B 55 -2.82 -4.78 -1.71
CA TYR B 55 -1.91 -3.92 -0.95
C TYR B 55 -1.76 -4.40 0.47
N HIS B 56 -2.88 -4.73 1.10
CA HIS B 56 -2.93 -4.94 2.55
C HIS B 56 -2.44 -6.32 2.99
N LYS B 57 -2.28 -7.23 2.04
CA LYS B 57 -1.60 -8.49 2.30
C LYS B 57 -0.07 -8.34 2.33
N LEU B 58 0.44 -7.19 1.91
CA LEU B 58 1.88 -7.05 1.76
C LEU B 58 2.47 -5.88 2.54
N TYR B 59 1.68 -4.81 2.69
CA TYR B 59 2.26 -3.60 3.26
C TYR B 59 2.88 -3.88 4.62
N ASP B 60 2.12 -4.47 5.52
CA ASP B 60 2.61 -4.70 6.88
C ASP B 60 3.70 -5.75 6.90
N PRO B 61 3.44 -6.90 6.28
CA PRO B 61 4.49 -7.92 6.28
C PRO B 61 5.83 -7.40 5.72
N LEU B 62 5.81 -6.65 4.63
CA LEU B 62 7.04 -6.09 4.06
C LEU B 62 7.75 -5.19 5.08
N ASN B 63 6.99 -4.27 5.68
CA ASN B 63 7.54 -3.35 6.65
C ASN B 63 8.01 -3.95 7.95
N ILE B 64 7.45 -5.10 8.31
CA ILE B 64 7.89 -5.83 9.50
C ILE B 64 9.24 -6.48 9.25
N ILE B 65 9.42 -7.04 8.05
CA ILE B 65 10.68 -7.67 7.67
C ILE B 65 11.77 -6.65 7.37
N GLU B 66 11.37 -5.51 6.80
CA GLU B 66 12.30 -4.46 6.42
C GLU B 66 11.60 -3.11 6.32
N LEU B 67 11.62 -2.34 7.41
CA LEU B 67 10.96 -1.04 7.42
C LEU B 67 11.50 -0.13 6.32
N ASP B 68 10.62 0.33 5.43
CA ASP B 68 11.03 1.04 4.22
C ASP B 68 9.85 1.76 3.60
N LYS B 69 9.93 3.10 3.51
CA LYS B 69 8.87 3.90 2.91
C LYS B 69 8.62 3.57 1.44
N ARG B 70 9.62 2.94 0.79
CA ARG B 70 9.49 2.56 -0.62
C ARG B 70 8.45 1.46 -0.89
N HIS B 71 8.16 0.65 0.12
CA HIS B 71 7.20 -0.45 -0.04
C HIS B 71 5.83 0.10 -0.44
N ASP B 72 5.39 1.15 0.26
CA ASP B 72 4.18 1.84 -0.13
C ASP B 72 4.23 2.27 -1.59
N VAL B 73 5.31 2.93 -1.99
CA VAL B 73 5.45 3.43 -3.36
C VAL B 73 5.45 2.28 -4.35
N ASN B 74 6.24 1.25 -4.06
CA ASN B 74 6.32 0.12 -4.97
C ASN B 74 5.02 -0.65 -5.12
N LEU B 75 4.32 -0.86 -3.99
CA LEU B 75 3.01 -1.51 -4.03
C LEU B 75 2.04 -0.73 -4.92
N GLU B 76 1.95 0.59 -4.72
CA GLU B 76 1.03 1.39 -5.52
C GLU B 76 1.39 1.32 -7.00
N LYS B 77 2.68 1.45 -7.30
CA LYS B 77 3.16 1.38 -8.67
C LYS B 77 2.84 0.05 -9.32
N CYS B 78 3.08 -1.04 -8.61
CA CYS B 78 2.87 -2.37 -9.18
C CYS B 78 1.39 -2.73 -9.32
N ILE B 79 0.57 -2.31 -8.35
CA ILE B 79 -0.89 -2.40 -8.49
C ILE B 79 -1.37 -1.62 -9.71
N GLY B 80 -0.87 -0.39 -9.87
CA GLY B 80 -1.16 0.41 -11.05
C GLY B 80 -0.86 -0.32 -12.35
N GLU B 81 0.31 -0.94 -12.43
CA GLU B 81 0.71 -1.62 -13.67
C GLU B 81 -0.18 -2.82 -13.97
N CYS B 82 -0.58 -3.54 -12.92
CA CYS B 82 -1.25 -4.82 -13.09
C CYS B 82 -2.72 -4.66 -13.51
N VAL B 83 -3.35 -3.58 -13.09
CA VAL B 83 -4.77 -3.37 -13.40
C VAL B 83 -5.00 -2.90 -14.84
N GLN B 84 -3.94 -2.51 -15.53
CA GLN B 84 -4.10 -2.13 -16.91
C GLN B 84 -3.57 -3.18 -17.89
N VAL B 85 -3.41 -4.40 -17.40
CA VAL B 85 -3.25 -5.55 -18.27
C VAL B 85 -4.30 -6.61 -18.00
N PRO B 86 -4.60 -7.43 -19.00
CA PRO B 86 -5.77 -8.30 -18.97
C PRO B 86 -5.69 -9.31 -17.83
N THR B 87 -6.84 -9.83 -17.41
CA THR B 87 -6.92 -10.60 -16.18
C THR B 87 -5.99 -11.81 -16.22
N SER B 88 -5.56 -12.18 -17.43
CA SER B 88 -4.87 -13.44 -17.64
C SER B 88 -3.42 -13.37 -17.16
N GLU B 89 -2.90 -12.15 -17.04
CA GLU B 89 -1.50 -11.94 -16.72
C GLU B 89 -1.34 -10.96 -15.56
N ARG B 90 -2.47 -10.56 -14.97
CA ARG B 90 -2.48 -9.51 -13.95
C ARG B 90 -1.57 -9.85 -12.77
N ALA B 91 -1.70 -11.07 -12.26
CA ALA B 91 -0.97 -11.49 -11.06
C ALA B 91 0.52 -11.62 -11.36
N HIS B 92 0.81 -12.17 -12.54
CA HIS B 92 2.18 -12.33 -12.98
C HIS B 92 2.82 -10.95 -13.19
N VAL B 93 2.09 -10.04 -13.79
CA VAL B 93 2.60 -8.67 -13.96
C VAL B 93 2.84 -7.94 -12.64
N PHE B 94 1.96 -8.16 -11.67
CA PHE B 94 2.16 -7.63 -10.31
C PHE B 94 3.44 -8.21 -9.65
N TYR B 95 3.60 -9.52 -9.78
CA TYR B 95 4.76 -10.26 -9.27
C TYR B 95 6.08 -9.75 -9.88
N LYS B 96 6.14 -9.67 -11.21
CA LYS B 96 7.33 -9.14 -11.91
C LYS B 96 7.67 -7.69 -11.52
N CYS B 97 6.66 -6.82 -11.55
CA CYS B 97 6.87 -5.44 -11.11
C CYS B 97 7.49 -5.37 -9.71
N LEU B 98 6.95 -6.14 -8.77
CA LEU B 98 7.47 -6.12 -7.40
C LEU B 98 8.93 -6.61 -7.35
N LEU B 99 9.20 -7.71 -8.03
CA LEU B 99 10.51 -8.33 -7.96
C LEU B 99 11.61 -7.41 -8.52
N LYS B 100 11.23 -6.56 -9.48
CA LYS B 100 12.17 -5.64 -10.11
C LYS B 100 12.38 -4.37 -9.29
N SER B 101 11.39 -4.01 -8.47
CA SER B 101 11.49 -2.81 -7.65
C SER B 101 12.38 -3.11 -6.46
N THR B 102 12.72 -2.08 -5.70
CA THR B 102 13.48 -2.28 -4.48
C THR B 102 12.77 -3.16 -3.45
N THR B 103 11.45 -3.28 -3.57
CA THR B 103 10.65 -4.13 -2.66
C THR B 103 10.87 -5.63 -2.92
N GLY B 104 11.38 -5.96 -4.10
CA GLY B 104 11.59 -7.36 -4.47
C GLY B 104 12.39 -8.17 -3.46
N ARG B 105 13.47 -7.58 -2.93
CA ARG B 105 14.32 -8.26 -1.97
C ARG B 105 13.49 -8.77 -0.78
N THR B 106 12.58 -7.93 -0.31
CA THR B 106 11.76 -8.25 0.86
C THR B 106 10.53 -9.07 0.46
N PHE B 107 9.95 -8.77 -0.70
CA PHE B 107 8.85 -9.55 -1.22
C PHE B 107 9.18 -11.04 -1.24
N LYS B 108 10.37 -11.38 -1.73
CA LYS B 108 10.80 -12.78 -1.75
C LYS B 108 10.76 -13.42 -0.37
N LYS B 109 11.14 -12.66 0.64
CA LYS B 109 11.21 -13.17 1.99
C LYS B 109 9.78 -13.38 2.52
N VAL B 110 8.89 -12.45 2.21
CA VAL B 110 7.47 -12.53 2.60
C VAL B 110 6.78 -13.70 1.93
N PHE B 111 7.02 -13.87 0.64
CA PHE B 111 6.54 -15.03 -0.12
C PHE B 111 7.07 -16.37 0.48
N ASP B 112 8.38 -16.49 0.67
CA ASP B 112 8.94 -17.69 1.32
C ASP B 112 8.26 -18.02 2.65
N LEU B 113 8.11 -17.01 3.50
CA LEU B 113 7.55 -17.20 4.83
C LEU B 113 6.11 -17.69 4.73
N MET B 114 5.32 -17.05 3.89
CA MET B 114 3.93 -17.46 3.69
C MET B 114 3.74 -18.86 3.11
N GLU B 115 4.63 -19.27 2.20
CA GLU B 115 4.58 -20.62 1.67
C GLU B 115 4.73 -21.68 2.77
N LEU B 116 5.79 -21.56 3.56
CA LEU B 116 6.08 -22.52 4.61
C LEU B 116 5.07 -22.42 5.75
N LYS B 117 4.52 -21.22 5.93
CA LYS B 117 3.45 -21.02 6.90
C LYS B 117 2.18 -21.75 6.50
N LYS B 118 1.71 -21.49 5.28
CA LYS B 118 0.57 -22.20 4.73
C LYS B 118 0.79 -23.72 4.77
N ALA B 119 2.04 -24.13 4.61
CA ALA B 119 2.38 -25.55 4.61
C ALA B 119 2.51 -26.10 6.02
N GLY B 120 2.60 -25.21 7.02
CA GLY B 120 2.65 -25.66 8.40
C GLY B 120 4.02 -26.13 8.82
N LYS B 121 5.06 -25.61 8.16
CA LYS B 121 6.43 -25.93 8.54
C LYS B 121 6.99 -24.92 9.54
N VAL B 122 6.38 -23.73 9.57
CA VAL B 122 6.73 -22.74 10.58
C VAL B 122 5.44 -22.12 11.12
N PRO B 123 5.49 -21.59 12.35
CA PRO B 123 4.35 -20.92 12.96
C PRO B 123 4.00 -19.59 12.29
N GLN B 124 2.77 -19.13 12.51
CA GLN B 124 2.23 -18.02 11.75
C GLN B 124 2.95 -16.73 12.08
N HIS B 125 3.63 -16.71 13.22
CA HIS B 125 4.39 -15.54 13.64
C HIS B 125 5.86 -15.64 13.31
N GLN B 126 6.23 -16.71 12.59
CA GLN B 126 7.62 -16.92 12.21
C GLN B 126 8.22 -15.65 11.61
N ARG B 127 9.40 -15.27 12.08
CA ARG B 127 10.14 -14.20 11.46
C ARG B 127 11.23 -14.73 10.52
N TYR B 128 11.85 -13.82 9.77
CA TYR B 128 12.85 -14.25 8.80
C TYR B 128 14.21 -14.38 9.48
N THR B 129 14.45 -15.55 10.07
CA THR B 129 15.61 -15.76 10.93
C THR B 129 16.64 -16.63 10.21
N ALA B 130 17.83 -16.76 10.79
CA ALA B 130 18.82 -17.72 10.28
C ALA B 130 18.24 -19.12 10.23
N GLU B 131 17.52 -19.52 11.28
CA GLU B 131 16.89 -20.84 11.31
C GLU B 131 15.94 -21.01 10.13
N PHE B 132 15.14 -19.97 9.86
CA PHE B 132 14.22 -20.03 8.75
C PHE B 132 14.94 -20.25 7.42
N VAL B 133 16.06 -19.56 7.23
CA VAL B 133 16.76 -19.73 5.96
C VAL B 133 17.23 -21.18 5.80
N GLN B 134 17.69 -21.78 6.89
CA GLN B 134 18.05 -23.20 6.87
C GLN B 134 16.84 -24.11 6.62
N ILE B 135 15.73 -23.79 7.28
CA ILE B 135 14.48 -24.49 7.00
C ILE B 135 14.09 -24.44 5.53
N MET B 136 14.18 -23.27 4.92
CA MET B 136 13.91 -23.19 3.49
C MET B 136 14.94 -23.93 2.65
N LYS B 137 16.19 -23.99 3.10
CA LYS B 137 17.21 -24.76 2.38
C LYS B 137 16.86 -26.25 2.31
N ASP B 138 16.51 -26.82 3.46
CA ASP B 138 16.12 -28.23 3.59
C ASP B 138 14.83 -28.51 2.82
N TYR B 139 13.95 -27.50 2.76
CA TYR B 139 12.68 -27.64 2.07
C TYR B 139 12.89 -27.73 0.57
N ASP B 140 13.72 -26.84 0.05
CA ASP B 140 14.04 -26.86 -1.38
C ASP B 140 14.76 -28.15 -1.75
N LYS B 141 15.72 -28.54 -0.92
CA LYS B 141 16.51 -29.74 -1.18
C LYS B 141 15.61 -30.97 -1.39
N ALA B 142 14.56 -31.08 -0.58
CA ALA B 142 13.61 -32.19 -0.72
C ALA B 142 12.87 -32.15 -2.05
N LEU B 143 13.02 -31.03 -2.75
CA LEU B 143 12.34 -30.79 -4.04
C LEU B 143 13.31 -30.93 -5.20
N ASN B 144 14.58 -31.19 -4.87
CA ASN B 144 15.64 -31.29 -5.87
C ASN B 144 16.16 -29.92 -6.30
N CYS B 145 15.94 -28.92 -5.44
CA CYS B 145 16.45 -27.58 -5.68
C CYS B 145 17.39 -27.18 -4.55
#